data_6GQD
#
_entry.id   6GQD
#
_cell.length_a   72.647
_cell.length_b   96.748
_cell.length_c   55.426
_cell.angle_alpha   90.000
_cell.angle_beta   90.000
_cell.angle_gamma   90.000
#
_symmetry.space_group_name_H-M   'P 21 21 2'
#
loop_
_entity.id
_entity.type
_entity.pdbx_description
1 polymer 'Galactose-1-phosphate uridylyltransferase'
2 non-polymer 'ZINC ION'
3 non-polymer 1,2-ETHANEDIOL
4 non-polymer "5,6-DIHYDROURIDINE-5'-MONOPHOSPHATE"
5 water water
#
_entity_poly.entity_id   1
_entity_poly.type   'polypeptide(L)'
_entity_poly.pdbx_seq_one_letter_code
;SMSRSGTDPQQRQQASEADAAYTPFLANDHQHIRYNPLQDEWVLVSAHRMKRPWQGQVEPQLLKTVPRHDPLNPLCPGAI
RANGEVNPQYDSTFLFDNDFPALQPDAPSPGPSDHPLFQAKSARGVCKVMCFHPWSDVTLPLMSVPEIRAVVDAWASVTE
ELGAQYPWVQIFENKGAMMGCSNPHPHCQVWASSFLPDIAQREERSQQAYKSQHGEPLLMEYSRQELLRKERLVLTSEHW
LVLVPFWATWPYQTLLLPRRHVRRLPELTPAERDDLASIMKKLLTKYDNLFETSFPYSMGWHGAPTGSEAGANWDHWQLH
AHYYPPLLRSATVRKFMVGYEMLAQAQRDLTPEQAAERLRALPEVHYHLGQKDRETATIA
;
_entity_poly.pdbx_strand_id   A
#
# COMPACT_ATOMS: atom_id res chain seq x y z
N TYR A 22 0.78 -26.41 16.14
CA TYR A 22 1.80 -25.44 15.77
C TYR A 22 2.56 -24.93 16.98
N THR A 23 3.70 -24.30 16.73
CA THR A 23 4.51 -23.73 17.79
C THR A 23 5.00 -22.34 17.42
N PRO A 24 5.01 -21.42 18.37
CA PRO A 24 5.50 -20.07 18.06
C PRO A 24 6.93 -20.07 17.52
N PHE A 25 7.22 -19.04 16.71
CA PHE A 25 8.57 -18.83 16.19
C PHE A 25 9.35 -18.02 17.23
N LEU A 26 10.32 -18.65 17.88
CA LEU A 26 10.97 -18.05 19.04
C LEU A 26 12.15 -17.17 18.67
N ALA A 27 12.44 -16.20 19.55
CA ALA A 27 13.57 -15.28 19.34
C ALA A 27 14.81 -15.75 20.11
N ASN A 28 15.34 -16.91 19.70
CA ASN A 28 16.36 -17.61 20.46
C ASN A 28 17.77 -17.48 19.88
N ASP A 29 17.98 -16.58 18.92
CA ASP A 29 19.31 -16.42 18.31
C ASP A 29 19.63 -14.95 18.18
N HIS A 30 20.93 -14.64 17.94
CA HIS A 30 21.33 -13.27 17.70
C HIS A 30 21.07 -12.83 16.26
N GLN A 31 20.94 -13.76 15.31
CA GLN A 31 20.66 -13.43 13.91
C GLN A 31 20.15 -14.68 13.20
N HIS A 32 19.23 -14.48 12.24
CA HIS A 32 18.81 -15.53 11.30
C HIS A 32 18.25 -14.82 10.08
N ILE A 33 17.95 -15.59 9.02
CA ILE A 33 17.34 -15.02 7.82
C ILE A 33 15.99 -15.68 7.53
N ARG A 34 15.03 -14.88 7.00
CA ARG A 34 13.68 -15.32 6.68
C ARG A 34 13.36 -15.03 5.22
N TYR A 35 12.56 -15.90 4.60
CA TYR A 35 12.23 -15.80 3.16
C TYR A 35 10.87 -15.19 2.88
N ASN A 36 10.85 -14.28 1.87
CA ASN A 36 9.64 -13.73 1.28
C ASN A 36 9.31 -14.51 0.02
N PRO A 37 8.30 -15.39 0.03
CA PRO A 37 8.00 -16.23 -1.15
C PRO A 37 7.20 -15.51 -2.22
N LEU A 38 6.65 -14.34 -1.90
CA LEU A 38 5.85 -13.58 -2.85
C LEU A 38 6.71 -12.74 -3.78
N GLN A 39 7.79 -12.15 -3.26
CA GLN A 39 8.72 -11.34 -4.07
C GLN A 39 10.12 -11.94 -4.18
N ASP A 40 10.37 -13.09 -3.54
CA ASP A 40 11.59 -13.89 -3.69
C ASP A 40 12.83 -13.12 -3.22
N GLU A 41 12.88 -12.92 -1.89
CA GLU A 41 13.97 -12.23 -1.27
C GLU A 41 14.10 -12.66 0.19
N TRP A 42 15.28 -12.42 0.76
CA TRP A 42 15.59 -12.77 2.13
C TRP A 42 15.80 -11.53 2.99
N VAL A 43 15.47 -11.65 4.29
CA VAL A 43 15.59 -10.59 5.28
C VAL A 43 16.44 -11.08 6.46
N LEU A 44 17.44 -10.27 6.87
CA LEU A 44 18.23 -10.53 8.08
C LEU A 44 17.50 -9.97 9.31
N VAL A 45 17.23 -10.84 10.30
CA VAL A 45 16.53 -10.48 11.53
C VAL A 45 17.50 -10.62 12.70
N SER A 46 17.74 -9.51 13.42
CA SER A 46 18.69 -9.43 14.54
C SER A 46 17.90 -9.14 15.85
N ALA A 47 17.32 -10.16 16.43
CA ALA A 47 16.44 -9.96 17.58
C ALA A 47 17.21 -9.39 18.79
N HIS A 48 16.55 -8.44 19.48
CA HIS A 48 17.06 -7.85 20.72
C HIS A 48 18.26 -6.93 20.51
N ARG A 49 18.53 -6.49 19.29
CA ARG A 49 19.66 -5.60 19.07
C ARG A 49 19.36 -4.18 19.55
N MET A 50 20.31 -3.58 20.29
CA MET A 50 20.15 -2.26 20.87
C MET A 50 20.75 -1.20 19.96
N LYS A 51 20.58 0.07 20.35
CA LYS A 51 21.17 1.20 19.62
C LYS A 51 21.61 2.27 20.62
N ARG A 52 22.77 2.89 20.33
CA ARG A 52 23.34 3.94 21.17
C ARG A 52 23.82 5.07 20.27
N PRO A 53 22.89 5.82 19.67
CA PRO A 53 23.30 6.85 18.70
C PRO A 53 24.04 8.01 19.35
N TRP A 54 25.03 8.55 18.63
CA TRP A 54 25.83 9.64 19.15
C TRP A 54 25.00 10.90 19.34
N GLN A 55 24.14 11.22 18.37
CA GLN A 55 23.23 12.35 18.46
C GLN A 55 21.83 11.88 18.07
N GLY A 56 20.82 12.63 18.51
CA GLY A 56 19.46 12.24 18.27
C GLY A 56 18.99 12.52 16.84
N GLN A 57 17.81 12.00 16.53
CA GLN A 57 17.16 12.28 15.24
C GLN A 57 16.36 13.58 15.33
N LEU A 62 7.41 21.42 13.79
CA LEU A 62 6.53 22.61 13.79
C LEU A 62 5.35 22.38 12.87
N LEU A 63 4.34 21.63 13.34
CA LEU A 63 3.21 21.24 12.51
C LEU A 63 2.14 22.32 12.57
N LYS A 64 2.05 23.11 11.50
CA LYS A 64 1.05 24.17 11.40
C LYS A 64 -0.30 23.59 11.03
N THR A 65 -1.36 24.21 11.54
CA THR A 65 -2.72 23.70 11.39
C THR A 65 -3.18 23.79 9.94
N VAL A 66 -3.86 22.74 9.47
CA VAL A 66 -4.28 22.63 8.08
C VAL A 66 -5.64 23.29 7.92
N PRO A 67 -5.78 24.32 7.10
CA PRO A 67 -7.12 24.92 6.91
C PRO A 67 -8.02 23.98 6.12
N ARG A 68 -9.32 24.00 6.47
CA ARG A 68 -10.29 23.15 5.78
C ARG A 68 -10.38 23.49 4.29
N HIS A 69 -10.28 24.77 3.95
CA HIS A 69 -10.27 25.21 2.55
C HIS A 69 -9.26 26.32 2.33
N ASP A 70 -8.47 26.20 1.30
CA ASP A 70 -7.51 27.21 0.86
C ASP A 70 -7.64 27.32 -0.64
N PRO A 71 -8.08 28.48 -1.17
CA PRO A 71 -8.23 28.59 -2.64
C PRO A 71 -6.94 28.41 -3.41
N LEU A 72 -5.79 28.55 -2.76
CA LEU A 72 -4.53 28.35 -3.45
C LEU A 72 -4.06 26.89 -3.40
N ASN A 73 -4.76 26.00 -2.66
CA ASN A 73 -4.40 24.58 -2.71
C ASN A 73 -5.08 23.91 -3.91
N PRO A 74 -4.30 23.47 -4.90
CA PRO A 74 -4.90 23.00 -6.17
C PRO A 74 -5.63 21.66 -6.09
N LEU A 75 -5.73 21.03 -4.90
CA LEU A 75 -6.58 19.86 -4.71
C LEU A 75 -7.94 20.21 -4.09
N CYS A 76 -8.18 21.47 -3.71
CA CYS A 76 -9.44 21.84 -3.07
C CYS A 76 -10.58 22.07 -4.07
N PRO A 77 -11.82 21.82 -3.65
CA PRO A 77 -12.95 22.23 -4.50
C PRO A 77 -12.87 23.71 -4.83
N GLY A 78 -13.15 24.05 -6.09
CA GLY A 78 -13.14 25.43 -6.53
C GLY A 78 -11.79 26.02 -6.87
N ALA A 79 -10.68 25.31 -6.67
CA ALA A 79 -9.36 25.89 -6.84
C ALA A 79 -8.84 25.75 -8.26
N ILE A 80 -7.95 26.66 -8.65
CA ILE A 80 -7.28 26.66 -9.96
C ILE A 80 -6.04 25.77 -9.91
N ARG A 81 -5.88 24.89 -10.90
CA ARG A 81 -4.71 24.03 -11.00
C ARG A 81 -3.66 24.62 -11.96
N ALA A 82 -2.51 23.92 -12.10
CA ALA A 82 -1.40 24.43 -12.90
C ALA A 82 -1.69 24.47 -14.39
N ASN A 83 -2.70 23.75 -14.87
CA ASN A 83 -3.09 23.83 -16.28
C ASN A 83 -4.15 24.91 -16.53
N GLY A 84 -4.53 25.68 -15.50
CA GLY A 84 -5.52 26.72 -15.62
C GLY A 84 -6.96 26.29 -15.42
N GLU A 85 -7.23 25.01 -15.25
CA GLU A 85 -8.60 24.57 -15.07
C GLU A 85 -9.02 24.72 -13.61
N VAL A 86 -10.32 24.89 -13.41
CA VAL A 86 -10.90 25.09 -12.07
C VAL A 86 -11.58 23.82 -11.60
N ASN A 87 -11.22 23.35 -10.39
CA ASN A 87 -11.86 22.17 -9.83
C ASN A 87 -13.34 22.44 -9.57
N PRO A 88 -14.20 21.46 -9.82
CA PRO A 88 -15.61 21.63 -9.45
C PRO A 88 -15.82 21.59 -7.94
N GLN A 89 -17.05 21.91 -7.55
CA GLN A 89 -17.47 21.84 -6.15
C GLN A 89 -17.88 20.39 -5.85
N TYR A 90 -16.89 19.52 -5.68
CA TYR A 90 -17.17 18.09 -5.59
C TYR A 90 -17.61 17.69 -4.18
N ASP A 91 -18.30 16.55 -4.09
CA ASP A 91 -18.95 16.08 -2.87
C ASP A 91 -18.14 15.09 -2.04
N SER A 92 -17.53 14.09 -2.68
CA SER A 92 -16.78 13.05 -1.99
C SER A 92 -15.44 12.91 -2.71
N THR A 93 -15.29 12.01 -3.67
CA THR A 93 -14.00 11.89 -4.34
C THR A 93 -13.96 12.75 -5.61
N PHE A 94 -12.74 13.03 -6.08
CA PHE A 94 -12.49 13.77 -7.32
C PHE A 94 -11.26 13.23 -8.05
N LEU A 95 -11.41 12.89 -9.34
CA LEU A 95 -10.34 12.34 -10.16
C LEU A 95 -9.96 13.28 -11.30
N PHE A 96 -8.65 13.55 -11.44
CA PHE A 96 -8.14 14.40 -12.53
C PHE A 96 -6.76 13.92 -12.99
N ASP A 97 -6.41 14.30 -14.23
CA ASP A 97 -5.10 13.98 -14.80
C ASP A 97 -4.01 14.81 -14.13
N ASN A 98 -2.92 14.14 -13.71
CA ASN A 98 -1.80 14.82 -13.08
C ASN A 98 -1.25 15.87 -14.04
N ASP A 99 -1.06 17.11 -13.56
CA ASP A 99 -0.48 18.16 -14.40
C ASP A 99 1.03 18.04 -14.60
N PHE A 100 1.69 17.15 -13.84
CA PHE A 100 3.14 16.89 -13.95
C PHE A 100 3.36 15.38 -14.01
N PRO A 101 2.91 14.74 -15.10
CA PRO A 101 2.77 13.27 -15.11
C PRO A 101 4.04 12.51 -15.45
N ALA A 102 4.26 11.40 -14.73
CA ALA A 102 5.35 10.48 -15.02
C ALA A 102 5.11 9.64 -16.28
N LEU A 103 3.84 9.47 -16.69
CA LEU A 103 3.43 8.71 -17.86
C LEU A 103 2.32 9.48 -18.58
N GLN A 104 2.35 9.46 -19.92
CA GLN A 104 1.35 10.10 -20.79
C GLN A 104 0.97 9.16 -21.92
N PRO A 105 -0.28 9.28 -22.43
CA PRO A 105 -0.78 8.33 -23.45
C PRO A 105 -0.36 8.69 -24.85
N ASP A 106 0.94 8.67 -25.09
CA ASP A 106 1.48 9.05 -26.38
C ASP A 106 1.35 7.90 -27.37
N ALA A 107 1.52 8.24 -28.65
CA ALA A 107 1.40 7.25 -29.70
C ALA A 107 2.46 6.17 -29.55
N PRO A 108 2.12 4.90 -29.78
CA PRO A 108 3.14 3.85 -29.83
C PRO A 108 4.32 4.24 -30.72
N SER A 109 5.49 3.72 -30.38
CA SER A 109 6.71 4.03 -31.13
C SER A 109 7.69 2.89 -30.91
N PRO A 110 8.72 2.80 -31.75
CA PRO A 110 9.69 1.71 -31.60
C PRO A 110 10.56 1.89 -30.36
N GLY A 111 11.18 0.78 -29.95
CA GLY A 111 12.11 0.80 -28.84
C GLY A 111 13.40 1.50 -29.22
N PRO A 112 13.85 2.45 -28.39
CA PRO A 112 14.96 3.32 -28.80
C PRO A 112 16.35 2.70 -28.73
N SER A 113 16.51 1.48 -28.22
CA SER A 113 17.85 0.88 -28.15
C SER A 113 17.75 -0.63 -27.97
N ASP A 114 18.56 -1.38 -28.74
CA ASP A 114 18.55 -2.88 -28.66
C ASP A 114 20.01 -3.43 -28.76
N HIS A 115 20.78 -3.25 -27.71
CA HIS A 115 22.06 -3.92 -27.52
C HIS A 115 22.04 -4.60 -26.17
N PRO A 116 22.81 -5.67 -25.98
CA PRO A 116 22.62 -6.49 -24.76
C PRO A 116 22.79 -5.74 -23.44
N LEU A 117 23.71 -4.78 -23.40
CA LEU A 117 23.98 -4.01 -22.19
C LEU A 117 23.29 -2.65 -22.17
N PHE A 118 22.61 -2.27 -23.27
CA PHE A 118 21.91 -0.99 -23.38
C PHE A 118 20.48 -1.24 -23.89
N GLN A 119 19.68 -1.89 -23.08
CA GLN A 119 18.32 -2.27 -23.47
C GLN A 119 17.31 -1.23 -22.96
N ALA A 120 16.48 -0.74 -23.89
CA ALA A 120 15.42 0.20 -23.56
C ALA A 120 14.19 -0.10 -24.40
N LYS A 121 13.01 0.11 -23.81
CA LYS A 121 11.74 -0.10 -24.49
C LYS A 121 10.86 1.14 -24.40
N SER A 122 10.02 1.34 -25.42
CA SER A 122 9.08 2.45 -25.36
C SER A 122 7.99 2.16 -24.33
N ALA A 123 7.36 3.22 -23.84
CA ALA A 123 6.29 3.08 -22.84
C ALA A 123 5.28 4.21 -22.95
N ARG A 124 4.09 3.98 -22.37
CA ARG A 124 3.01 4.96 -22.33
CA ARG A 124 3.01 4.96 -22.34
C ARG A 124 2.11 4.62 -21.16
N GLY A 125 1.30 5.60 -20.75
CA GLY A 125 0.37 5.38 -19.64
C GLY A 125 -0.40 6.62 -19.25
N VAL A 126 -1.12 6.52 -18.12
CA VAL A 126 -1.99 7.58 -17.62
C VAL A 126 -1.79 7.71 -16.11
N CYS A 127 -1.62 8.94 -15.63
CA CYS A 127 -1.46 9.23 -14.20
C CYS A 127 -2.57 10.14 -13.70
N LYS A 128 -3.35 9.65 -12.73
CA LYS A 128 -4.41 10.40 -12.09
C LYS A 128 -4.09 10.75 -10.64
N VAL A 129 -4.65 11.86 -10.17
CA VAL A 129 -4.76 12.20 -8.76
C VAL A 129 -6.20 11.99 -8.33
N MET A 130 -6.42 11.36 -7.16
CA MET A 130 -7.76 11.11 -6.63
C MET A 130 -7.89 11.67 -5.21
N CYS A 131 -8.59 12.79 -5.05
CA CYS A 131 -8.92 13.31 -3.74
C CYS A 131 -9.96 12.41 -3.05
N PHE A 132 -9.74 12.17 -1.75
CA PHE A 132 -10.61 11.26 -0.98
C PHE A 132 -11.90 11.94 -0.49
N HIS A 133 -11.88 13.26 -0.30
CA HIS A 133 -12.84 14.06 0.46
C HIS A 133 -12.62 15.51 0.09
N PRO A 134 -13.65 16.37 0.12
CA PRO A 134 -13.43 17.79 -0.20
C PRO A 134 -12.76 18.62 0.89
N TRP A 135 -12.70 18.14 2.14
CA TRP A 135 -12.09 18.91 3.23
C TRP A 135 -10.62 18.52 3.43
N SER A 136 -9.75 19.53 3.49
CA SER A 136 -8.32 19.26 3.58
C SER A 136 -7.87 18.81 4.97
N ASP A 137 -8.65 19.08 6.01
CA ASP A 137 -8.24 18.82 7.38
C ASP A 137 -8.78 17.50 7.93
N VAL A 138 -9.08 16.53 7.05
CA VAL A 138 -9.39 15.16 7.45
C VAL A 138 -8.38 14.20 6.84
N THR A 139 -8.09 13.11 7.56
CA THR A 139 -7.37 11.95 7.07
C THR A 139 -8.29 10.72 7.17
N LEU A 140 -7.91 9.62 6.50
CA LEU A 140 -8.76 8.44 6.48
C LEU A 140 -9.23 7.95 7.85
N PRO A 141 -8.40 7.83 8.89
CA PRO A 141 -8.93 7.29 10.18
C PRO A 141 -9.93 8.22 10.85
N LEU A 142 -10.00 9.49 10.46
CA LEU A 142 -10.99 10.42 11.00
C LEU A 142 -12.25 10.51 10.14
N MET A 143 -12.28 9.85 8.99
CA MET A 143 -13.47 9.79 8.14
C MET A 143 -14.44 8.72 8.63
N SER A 144 -15.72 8.90 8.31
CA SER A 144 -16.75 7.94 8.67
C SER A 144 -16.69 6.72 7.75
N VAL A 145 -17.31 5.60 8.18
CA VAL A 145 -17.31 4.41 7.35
C VAL A 145 -17.99 4.66 6.00
N PRO A 146 -19.14 5.36 5.91
CA PRO A 146 -19.67 5.70 4.57
C PRO A 146 -18.75 6.58 3.72
N GLU A 147 -18.01 7.51 4.32
CA GLU A 147 -17.05 8.32 3.56
C GLU A 147 -15.91 7.46 3.00
N ILE A 148 -15.44 6.47 3.76
CA ILE A 148 -14.39 5.58 3.28
C ILE A 148 -14.95 4.61 2.23
N ARG A 149 -16.21 4.18 2.37
CA ARG A 149 -16.82 3.35 1.32
C ARG A 149 -16.82 4.07 -0.04
N ALA A 150 -17.03 5.39 -0.06
CA ALA A 150 -16.97 6.14 -1.32
C ALA A 150 -15.58 6.05 -1.94
N VAL A 151 -14.54 6.05 -1.12
CA VAL A 151 -13.18 5.86 -1.62
C VAL A 151 -13.03 4.47 -2.25
N VAL A 152 -13.52 3.43 -1.56
CA VAL A 152 -13.44 2.07 -2.11
C VAL A 152 -14.14 1.98 -3.46
N ASP A 153 -15.36 2.54 -3.57
CA ASP A 153 -16.09 2.51 -4.83
C ASP A 153 -15.29 3.21 -5.94
N ALA A 154 -14.62 4.32 -5.63
CA ALA A 154 -13.83 5.03 -6.64
C ALA A 154 -12.60 4.24 -7.06
N TRP A 155 -11.93 3.58 -6.12
CA TRP A 155 -10.83 2.68 -6.46
C TRP A 155 -11.28 1.59 -7.43
N ALA A 156 -12.45 0.99 -7.19
CA ALA A 156 -12.97 -0.02 -8.12
C ALA A 156 -13.25 0.57 -9.50
N SER A 157 -13.89 1.75 -9.53
CA SER A 157 -14.24 2.37 -10.80
C SER A 157 -13.00 2.68 -11.66
N VAL A 158 -11.96 3.25 -11.07
CA VAL A 158 -10.78 3.63 -11.87
C VAL A 158 -10.02 2.40 -12.34
N THR A 159 -10.02 1.31 -11.54
CA THR A 159 -9.41 0.06 -11.97
C THR A 159 -10.14 -0.50 -13.21
N GLU A 160 -11.48 -0.53 -13.19
CA GLU A 160 -12.24 -0.94 -14.38
C GLU A 160 -11.89 -0.08 -15.60
N GLU A 161 -11.88 1.23 -15.42
CA GLU A 161 -11.79 2.14 -16.56
C GLU A 161 -10.40 2.10 -17.21
N LEU A 162 -9.34 2.28 -16.41
CA LEU A 162 -7.99 2.24 -16.96
C LEU A 162 -7.55 0.81 -17.30
N GLY A 163 -8.10 -0.21 -16.62
CA GLY A 163 -7.71 -1.56 -16.96
C GLY A 163 -8.18 -2.04 -18.31
N ALA A 164 -9.14 -1.34 -18.92
CA ALA A 164 -9.55 -1.69 -20.27
C ALA A 164 -8.45 -1.43 -21.28
N GLN A 165 -7.55 -0.50 -21.01
CA GLN A 165 -6.51 -0.14 -21.95
C GLN A 165 -5.09 -0.48 -21.52
N TYR A 166 -4.85 -0.76 -20.24
CA TYR A 166 -3.49 -0.97 -19.74
C TYR A 166 -3.41 -2.25 -18.93
N PRO A 167 -2.32 -3.02 -19.06
CA PRO A 167 -2.23 -4.28 -18.30
C PRO A 167 -1.94 -4.11 -16.82
N TRP A 168 -1.49 -2.93 -16.36
CA TRP A 168 -1.26 -2.72 -14.94
C TRP A 168 -1.76 -1.37 -14.50
N VAL A 169 -2.65 -1.37 -13.49
CA VAL A 169 -3.16 -0.16 -12.85
C VAL A 169 -2.67 -0.15 -11.41
N GLN A 170 -1.81 0.84 -11.04
CA GLN A 170 -1.21 0.89 -9.70
C GLN A 170 -1.81 2.04 -8.88
N ILE A 171 -2.74 1.69 -7.95
CA ILE A 171 -3.23 2.63 -6.93
C ILE A 171 -2.21 2.68 -5.79
N PHE A 172 -1.80 3.90 -5.38
CA PHE A 172 -0.94 4.04 -4.19
C PHE A 172 -1.25 5.35 -3.47
N GLU A 173 -1.09 5.34 -2.14
CA GLU A 173 -1.20 6.53 -1.29
C GLU A 173 0.15 6.76 -0.63
N ASN A 174 0.67 8.00 -0.73
CA ASN A 174 1.91 8.41 -0.09
C ASN A 174 1.58 9.51 0.91
N LYS A 175 1.56 9.17 2.19
CA LYS A 175 1.04 10.03 3.25
C LYS A 175 2.16 10.55 4.14
N GLY A 176 2.22 11.87 4.30
CA GLY A 176 3.06 12.52 5.30
C GLY A 176 4.29 13.22 4.74
N ALA A 177 4.69 14.30 5.42
CA ALA A 177 5.92 14.98 5.03
C ALA A 177 7.14 14.06 5.10
N MET A 178 7.13 13.07 6.02
CA MET A 178 8.24 12.13 6.12
C MET A 178 8.40 11.28 4.87
N MET A 179 7.35 11.14 4.07
CA MET A 179 7.40 10.43 2.79
C MET A 179 7.58 11.38 1.60
N GLY A 180 7.86 12.65 1.85
CA GLY A 180 8.01 13.62 0.78
C GLY A 180 6.71 14.18 0.23
N CYS A 181 5.56 13.91 0.86
CA CYS A 181 4.30 14.48 0.41
C CYS A 181 4.14 15.87 1.01
N SER A 182 4.09 16.90 0.17
CA SER A 182 3.99 18.25 0.68
C SER A 182 2.56 18.80 0.73
N ASN A 183 1.60 18.14 0.07
CA ASN A 183 0.25 18.67 0.08
C ASN A 183 -0.59 17.83 1.03
N PRO A 184 -1.08 18.38 2.14
CA PRO A 184 -1.77 17.59 3.16
C PRO A 184 -3.22 17.23 2.86
N HIS A 185 -3.77 17.65 1.72
CA HIS A 185 -5.14 17.27 1.37
C HIS A 185 -5.24 15.75 1.23
N PRO A 186 -6.32 15.13 1.72
CA PRO A 186 -6.41 13.66 1.64
C PRO A 186 -6.56 13.16 0.21
N HIS A 187 -5.60 12.34 -0.25
CA HIS A 187 -5.62 11.88 -1.65
C HIS A 187 -4.73 10.66 -1.86
N CYS A 188 -4.92 10.01 -3.02
CA CYS A 188 -3.98 9.03 -3.55
C CYS A 188 -3.65 9.34 -5.02
N GLN A 189 -2.85 8.46 -5.64
CA GLN A 189 -2.50 8.53 -7.05
C GLN A 189 -2.78 7.18 -7.73
N VAL A 190 -2.98 7.21 -9.05
CA VAL A 190 -3.20 6.01 -9.86
C VAL A 190 -2.33 6.11 -11.11
N TRP A 191 -1.36 5.18 -11.27
CA TRP A 191 -0.51 5.16 -12.47
C TRP A 191 -0.79 3.85 -13.23
N ALA A 192 -1.34 3.96 -14.45
CA ALA A 192 -1.58 2.83 -15.35
C ALA A 192 -0.50 2.82 -16.45
N SER A 193 0.05 1.64 -16.73
CA SER A 193 1.23 1.56 -17.61
C SER A 193 1.09 0.48 -18.67
N SER A 194 1.77 0.73 -19.82
CA SER A 194 1.81 -0.24 -20.90
C SER A 194 2.64 -1.46 -20.54
N PHE A 195 3.56 -1.35 -19.60
CA PHE A 195 4.42 -2.43 -19.15
C PHE A 195 3.92 -2.98 -17.81
N LEU A 196 4.28 -4.23 -17.53
CA LEU A 196 4.08 -4.81 -16.20
C LEU A 196 5.31 -4.45 -15.35
N PRO A 197 5.16 -3.67 -14.29
CA PRO A 197 6.33 -3.26 -13.51
C PRO A 197 7.01 -4.43 -12.80
N ASP A 198 8.27 -4.22 -12.40
CA ASP A 198 9.09 -5.28 -11.84
C ASP A 198 8.43 -6.05 -10.70
N ILE A 199 7.86 -5.36 -9.72
CA ILE A 199 7.25 -6.06 -8.59
C ILE A 199 6.06 -6.90 -9.02
N ALA A 200 5.23 -6.38 -9.94
CA ALA A 200 4.12 -7.17 -10.48
C ALA A 200 4.60 -8.42 -11.19
N GLN A 201 5.71 -8.32 -11.95
CA GLN A 201 6.28 -9.51 -12.61
C GLN A 201 6.77 -10.52 -11.57
N ARG A 202 7.41 -10.04 -10.50
CA ARG A 202 7.86 -10.98 -9.47
C ARG A 202 6.68 -11.68 -8.80
N GLU A 203 5.60 -10.95 -8.51
CA GLU A 203 4.44 -11.57 -7.86
C GLU A 203 3.69 -12.48 -8.84
N GLU A 204 3.69 -12.17 -10.15
CA GLU A 204 3.12 -13.09 -11.13
C GLU A 204 3.88 -14.41 -11.18
N ARG A 205 5.22 -14.34 -11.21
CA ARG A 205 6.03 -15.54 -11.29
C ARG A 205 5.83 -16.44 -10.06
N SER A 206 5.88 -15.85 -8.87
CA SER A 206 5.79 -16.66 -7.65
C SER A 206 4.40 -17.25 -7.47
N GLN A 207 3.35 -16.48 -7.73
CA GLN A 207 2.00 -17.03 -7.54
C GLN A 207 1.71 -18.11 -8.57
N GLN A 208 2.16 -17.94 -9.82
CA GLN A 208 1.93 -18.95 -10.83
C GLN A 208 2.63 -20.26 -10.46
N ALA A 209 3.88 -20.18 -10.01
CA ALA A 209 4.61 -21.40 -9.67
C ALA A 209 3.99 -22.12 -8.48
N TYR A 210 3.54 -21.38 -7.47
CA TYR A 210 2.92 -22.01 -6.30
C TYR A 210 1.65 -22.76 -6.69
N LYS A 211 0.79 -22.14 -7.51
CA LYS A 211 -0.47 -22.79 -7.87
C LYS A 211 -0.22 -24.06 -8.69
N SER A 212 0.73 -24.01 -9.61
CA SER A 212 1.03 -25.19 -10.42
C SER A 212 1.49 -26.36 -9.56
N GLN A 213 2.23 -26.05 -8.48
CA GLN A 213 2.79 -27.11 -7.63
C GLN A 213 1.80 -27.59 -6.57
N HIS A 214 1.02 -26.69 -6.00
CA HIS A 214 0.19 -27.03 -4.84
C HIS A 214 -1.30 -27.07 -5.10
N GLY A 215 -1.79 -26.47 -6.19
CA GLY A 215 -3.20 -26.51 -6.50
C GLY A 215 -4.07 -25.54 -5.74
N GLU A 216 -3.49 -24.60 -5.01
CA GLU A 216 -4.19 -23.55 -4.30
C GLU A 216 -3.42 -22.25 -4.49
N PRO A 217 -4.07 -21.09 -4.40
CA PRO A 217 -3.32 -19.84 -4.48
C PRO A 217 -2.42 -19.63 -3.27
N LEU A 218 -1.23 -19.09 -3.52
CA LEU A 218 -0.22 -18.85 -2.48
C LEU A 218 -0.79 -18.10 -1.28
N LEU A 219 -1.44 -16.97 -1.52
CA LEU A 219 -1.90 -16.11 -0.42
C LEU A 219 -3.15 -16.63 0.26
N MET A 220 -3.94 -17.51 -0.39
CA MET A 220 -5.03 -18.16 0.32
C MET A 220 -4.49 -19.17 1.34
N GLU A 221 -3.46 -19.92 0.96
CA GLU A 221 -2.82 -20.83 1.90
C GLU A 221 -2.10 -20.08 3.01
N TYR A 222 -1.47 -18.94 2.68
CA TYR A 222 -0.79 -18.13 3.69
C TYR A 222 -1.79 -17.59 4.72
N SER A 223 -2.95 -17.11 4.26
CA SER A 223 -4.00 -16.66 5.18
C SER A 223 -4.45 -17.78 6.11
N ARG A 224 -4.69 -18.96 5.55
CA ARG A 224 -5.15 -20.10 6.33
C ARG A 224 -4.15 -20.43 7.43
N GLN A 225 -2.86 -20.43 7.09
CA GLN A 225 -1.83 -20.79 8.07
C GLN A 225 -1.67 -19.72 9.14
N GLU A 226 -1.75 -18.43 8.77
CA GLU A 226 -1.59 -17.38 9.78
C GLU A 226 -2.78 -17.32 10.72
N LEU A 227 -3.97 -17.67 10.25
CA LEU A 227 -5.11 -17.80 11.16
C LEU A 227 -4.91 -18.92 12.17
N LEU A 228 -4.25 -20.02 11.79
CA LEU A 228 -3.97 -21.09 12.74
C LEU A 228 -2.82 -20.72 13.69
N ARG A 229 -1.79 -20.02 13.20
CA ARG A 229 -0.63 -19.71 14.03
C ARG A 229 -0.84 -18.53 14.97
N LYS A 230 -1.76 -17.64 14.63
CA LYS A 230 -2.23 -16.51 15.43
C LYS A 230 -1.26 -15.36 15.72
N GLU A 231 0.03 -15.66 15.93
CA GLU A 231 0.91 -14.69 16.57
C GLU A 231 1.28 -13.47 15.70
N ARG A 232 1.02 -13.48 14.40
CA ARG A 232 1.25 -12.30 13.55
C ARG A 232 -0.06 -11.60 13.11
N LEU A 233 -1.21 -12.01 13.64
CA LEU A 233 -2.47 -11.34 13.30
C LEU A 233 -2.55 -9.97 13.98
N VAL A 234 -3.22 -9.02 13.30
CA VAL A 234 -3.46 -7.69 13.83
C VAL A 234 -4.95 -7.42 14.00
N LEU A 235 -5.75 -7.68 12.94
CA LEU A 235 -7.20 -7.55 12.97
C LEU A 235 -7.83 -8.67 12.14
N THR A 236 -8.98 -9.19 12.58
CA THR A 236 -9.79 -10.08 11.76
C THR A 236 -11.23 -9.59 11.72
N SER A 237 -11.86 -9.69 10.55
CA SER A 237 -13.27 -9.36 10.40
C SER A 237 -13.98 -10.43 9.60
N GLU A 238 -15.28 -10.22 9.34
CA GLU A 238 -16.04 -11.23 8.61
C GLU A 238 -15.43 -11.51 7.24
N HIS A 239 -14.95 -10.47 6.56
CA HIS A 239 -14.52 -10.60 5.17
C HIS A 239 -13.04 -10.28 4.90
N TRP A 240 -12.27 -9.88 5.92
CA TRP A 240 -10.90 -9.43 5.73
C TRP A 240 -9.99 -9.83 6.89
N LEU A 241 -8.68 -9.77 6.66
CA LEU A 241 -7.73 -9.79 7.74
C LEU A 241 -6.53 -8.90 7.47
N VAL A 242 -5.88 -8.50 8.57
CA VAL A 242 -4.65 -7.72 8.58
C VAL A 242 -3.64 -8.44 9.45
N LEU A 243 -2.39 -8.55 8.96
CA LEU A 243 -1.31 -9.22 9.68
C LEU A 243 0.03 -8.56 9.37
N VAL A 244 1.02 -8.83 10.22
CA VAL A 244 2.41 -8.45 9.96
C VAL A 244 3.08 -9.65 9.28
N PRO A 245 3.51 -9.54 8.01
CA PRO A 245 4.01 -10.74 7.34
C PRO A 245 5.28 -11.31 7.99
N PHE A 246 5.41 -12.64 7.91
CA PHE A 246 6.61 -13.33 8.43
C PHE A 246 7.91 -12.70 7.96
N TRP A 247 7.91 -12.21 6.71
CA TRP A 247 9.07 -11.67 5.99
C TRP A 247 9.08 -10.14 5.92
N ALA A 248 8.32 -9.46 6.76
CA ALA A 248 8.23 -8.01 6.70
C ALA A 248 9.59 -7.33 6.81
N THR A 249 9.76 -6.22 6.10
CA THR A 249 10.99 -5.43 6.14
C THR A 249 10.89 -4.12 6.90
N TRP A 250 9.71 -3.38 6.84
CA TRP A 250 9.55 -2.15 7.62
C TRP A 250 8.99 -2.47 9.01
N PRO A 251 9.26 -1.65 10.03
CA PRO A 251 9.01 -2.11 11.43
C PRO A 251 7.58 -2.57 11.69
N TYR A 252 6.57 -1.75 11.39
CA TYR A 252 5.16 -2.05 11.60
C TYR A 252 4.40 -2.25 10.28
N GLN A 253 5.10 -2.79 9.27
CA GLN A 253 4.51 -3.21 8.00
C GLN A 253 3.34 -4.16 8.19
N THR A 254 2.26 -3.96 7.38
CA THR A 254 1.16 -4.92 7.37
C THR A 254 0.78 -5.32 5.93
N LEU A 255 0.04 -6.45 5.88
CA LEU A 255 -0.60 -7.01 4.70
C LEU A 255 -2.09 -7.12 4.97
N LEU A 256 -2.92 -6.63 4.04
CA LEU A 256 -4.38 -6.59 4.14
C LEU A 256 -4.96 -7.39 2.98
N LEU A 257 -5.77 -8.41 3.27
CA LEU A 257 -6.33 -9.16 2.16
C LEU A 257 -7.68 -9.76 2.50
N PRO A 258 -8.51 -10.05 1.49
CA PRO A 258 -9.82 -10.63 1.74
C PRO A 258 -9.74 -12.11 2.06
N ARG A 259 -10.77 -12.59 2.80
CA ARG A 259 -10.82 -14.00 3.14
C ARG A 259 -11.29 -14.86 1.96
N ARG A 260 -12.17 -14.33 1.12
CA ARG A 260 -12.59 -14.98 -0.11
C ARG A 260 -11.50 -14.86 -1.17
N HIS A 261 -11.43 -15.84 -2.07
CA HIS A 261 -10.55 -15.75 -3.24
C HIS A 261 -11.10 -14.75 -4.25
N VAL A 262 -10.38 -13.64 -4.43
CA VAL A 262 -10.80 -12.49 -5.21
C VAL A 262 -9.59 -12.02 -6.03
N ARG A 263 -9.74 -11.95 -7.36
CA ARG A 263 -8.57 -11.62 -8.20
C ARG A 263 -8.32 -10.11 -8.33
N ARG A 264 -9.38 -9.30 -8.39
CA ARG A 264 -9.25 -7.87 -8.63
C ARG A 264 -10.26 -7.08 -7.79
N LEU A 265 -9.92 -5.83 -7.54
CA LEU A 265 -10.73 -4.99 -6.66
C LEU A 265 -12.19 -4.79 -7.08
N PRO A 266 -12.54 -4.63 -8.37
CA PRO A 266 -13.97 -4.43 -8.69
C PRO A 266 -14.87 -5.62 -8.37
N GLU A 267 -14.30 -6.81 -8.12
CA GLU A 267 -15.12 -7.98 -7.80
C GLU A 267 -15.68 -7.96 -6.39
N LEU A 268 -15.26 -7.03 -5.54
CA LEU A 268 -15.75 -7.02 -4.16
C LEU A 268 -17.25 -6.69 -4.13
N THR A 269 -18.02 -7.47 -3.35
CA THR A 269 -19.44 -7.25 -3.17
C THR A 269 -19.70 -6.01 -2.31
N PRO A 270 -20.92 -5.48 -2.32
CA PRO A 270 -21.22 -4.35 -1.41
C PRO A 270 -20.86 -4.65 0.05
N ALA A 271 -21.22 -5.84 0.57
CA ALA A 271 -20.87 -6.17 1.95
C ALA A 271 -19.36 -6.22 2.15
N GLU A 272 -18.62 -6.72 1.16
CA GLU A 272 -17.17 -6.78 1.30
C GLU A 272 -16.55 -5.38 1.27
N ARG A 273 -17.19 -4.46 0.52
CA ARG A 273 -16.67 -3.09 0.41
C ARG A 273 -16.91 -2.30 1.70
N ASP A 274 -18.11 -2.44 2.30
CA ASP A 274 -18.37 -1.82 3.59
C ASP A 274 -17.43 -2.35 4.68
N ASP A 275 -17.17 -3.67 4.69
CA ASP A 275 -16.30 -4.27 5.69
C ASP A 275 -14.83 -3.85 5.47
N LEU A 276 -14.43 -3.63 4.21
CA LEU A 276 -13.10 -3.09 3.94
C LEU A 276 -12.96 -1.69 4.51
N ALA A 277 -13.98 -0.84 4.30
CA ALA A 277 -13.98 0.52 4.86
C ALA A 277 -13.85 0.48 6.39
N SER A 278 -14.59 -0.43 7.04
CA SER A 278 -14.53 -0.54 8.50
C SER A 278 -13.16 -1.02 9.01
N ILE A 279 -12.60 -2.07 8.40
CA ILE A 279 -11.32 -2.58 8.90
C ILE A 279 -10.16 -1.62 8.58
N MET A 280 -10.21 -0.89 7.46
CA MET A 280 -9.19 0.14 7.20
C MET A 280 -9.26 1.24 8.26
N LYS A 281 -10.47 1.66 8.64
CA LYS A 281 -10.61 2.67 9.68
C LYS A 281 -9.98 2.18 10.98
N LYS A 282 -10.22 0.91 11.35
CA LYS A 282 -9.63 0.36 12.59
C LYS A 282 -8.10 0.25 12.50
N LEU A 283 -7.57 -0.24 11.37
CA LEU A 283 -6.11 -0.35 11.25
C LEU A 283 -5.44 1.01 11.33
N LEU A 284 -5.94 1.98 10.56
CA LEU A 284 -5.29 3.28 10.50
C LEU A 284 -5.43 4.04 11.81
N THR A 285 -6.51 3.78 12.58
CA THR A 285 -6.64 4.38 13.91
C THR A 285 -5.64 3.77 14.88
N LYS A 286 -5.47 2.44 14.84
CA LYS A 286 -4.40 1.81 15.63
C LYS A 286 -3.03 2.40 15.29
N TYR A 287 -2.73 2.57 13.98
CA TYR A 287 -1.46 3.15 13.57
C TYR A 287 -1.25 4.54 14.15
N ASP A 288 -2.28 5.42 14.12
CA ASP A 288 -2.15 6.76 14.72
C ASP A 288 -1.95 6.65 16.25
N ASN A 289 -2.61 5.68 16.91
CA ASN A 289 -2.47 5.55 18.36
C ASN A 289 -1.08 5.04 18.80
N LEU A 290 -0.33 4.37 17.92
CA LEU A 290 0.94 3.74 18.32
C LEU A 290 1.90 4.75 18.94
N PHE A 291 2.15 5.87 18.24
CA PHE A 291 3.01 6.92 18.73
C PHE A 291 2.27 8.25 18.90
N GLU A 292 0.94 8.22 18.98
CA GLU A 292 0.10 9.42 19.15
C GLU A 292 0.53 10.55 18.21
N THR A 293 0.44 10.25 16.91
CA THR A 293 0.78 11.19 15.84
C THR A 293 0.08 10.70 14.56
N SER A 294 -0.04 11.61 13.59
CA SER A 294 -0.60 11.21 12.29
C SER A 294 0.44 10.34 11.57
N PHE A 295 0.16 9.05 11.40
CA PHE A 295 1.18 8.03 11.04
C PHE A 295 1.49 8.07 9.56
N PRO A 296 2.75 8.31 9.17
CA PRO A 296 3.11 8.31 7.74
C PRO A 296 3.30 6.89 7.18
N TYR A 297 3.13 6.79 5.85
CA TYR A 297 3.37 5.53 5.14
C TYR A 297 3.23 5.72 3.63
N SER A 298 3.71 4.71 2.88
CA SER A 298 3.26 4.43 1.52
C SER A 298 2.42 3.14 1.54
N MET A 299 1.30 3.11 0.81
CA MET A 299 0.57 1.87 0.62
C MET A 299 0.08 1.72 -0.82
N GLY A 300 -0.27 0.48 -1.20
CA GLY A 300 -0.99 0.29 -2.47
C GLY A 300 -1.56 -1.10 -2.66
N TRP A 301 -2.32 -1.24 -3.76
CA TRP A 301 -3.07 -2.45 -4.09
C TRP A 301 -2.43 -3.23 -5.23
N HIS A 302 -2.43 -4.57 -5.11
CA HIS A 302 -1.98 -5.47 -6.15
C HIS A 302 -3.07 -6.50 -6.47
N GLY A 303 -3.49 -6.56 -7.74
CA GLY A 303 -4.44 -7.56 -8.21
C GLY A 303 -4.03 -8.10 -9.57
N ALA A 304 -4.82 -9.02 -10.11
CA ALA A 304 -4.45 -9.67 -11.37
C ALA A 304 -4.30 -8.66 -12.51
N PRO A 305 -3.31 -8.84 -13.41
CA PRO A 305 -3.18 -7.95 -14.56
C PRO A 305 -4.45 -7.84 -15.40
N THR A 306 -4.60 -6.68 -16.04
CA THR A 306 -5.77 -6.32 -16.84
C THR A 306 -5.37 -6.17 -18.30
N GLY A 307 -5.96 -5.23 -19.03
CA GLY A 307 -5.53 -5.03 -20.42
C GLY A 307 -6.03 -6.14 -21.35
N SER A 308 -5.29 -6.31 -22.47
CA SER A 308 -5.79 -7.17 -23.53
C SER A 308 -5.88 -8.64 -23.13
N GLU A 309 -5.12 -9.06 -22.12
CA GLU A 309 -5.14 -10.45 -21.66
C GLU A 309 -5.99 -10.65 -20.41
N ALA A 310 -6.85 -9.68 -20.07
CA ALA A 310 -7.61 -9.77 -18.83
C ALA A 310 -8.50 -11.00 -18.76
N GLY A 311 -8.89 -11.57 -19.89
CA GLY A 311 -9.75 -12.74 -19.92
C GLY A 311 -9.03 -14.07 -19.80
N ALA A 312 -7.71 -14.07 -19.70
CA ALA A 312 -6.97 -15.31 -19.54
C ALA A 312 -7.15 -15.86 -18.13
N ASN A 313 -6.45 -16.96 -17.84
CA ASN A 313 -6.57 -17.61 -16.54
C ASN A 313 -5.63 -16.93 -15.55
N TRP A 314 -6.21 -16.29 -14.52
CA TRP A 314 -5.45 -15.63 -13.47
C TRP A 314 -5.83 -16.17 -12.08
N ASP A 315 -6.26 -17.43 -12.01
CA ASP A 315 -6.74 -18.00 -10.76
C ASP A 315 -5.65 -18.08 -9.68
N HIS A 316 -4.37 -17.97 -10.08
CA HIS A 316 -3.28 -17.99 -9.10
C HIS A 316 -3.17 -16.70 -8.31
N TRP A 317 -3.83 -15.62 -8.76
CA TRP A 317 -3.75 -14.33 -8.09
C TRP A 317 -4.71 -14.24 -6.91
N GLN A 318 -4.29 -13.49 -5.90
CA GLN A 318 -5.14 -13.03 -4.80
C GLN A 318 -4.89 -11.56 -4.56
N LEU A 319 -5.96 -10.77 -4.64
CA LEU A 319 -5.94 -9.34 -4.30
C LEU A 319 -5.39 -9.09 -2.90
N HIS A 320 -4.55 -8.05 -2.77
CA HIS A 320 -3.99 -7.67 -1.47
C HIS A 320 -3.44 -6.26 -1.51
N ALA A 321 -3.28 -5.67 -0.32
CA ALA A 321 -2.61 -4.38 -0.13
C ALA A 321 -1.45 -4.44 0.85
N HIS A 322 -0.42 -3.64 0.59
CA HIS A 322 0.75 -3.50 1.47
C HIS A 322 0.79 -2.10 2.09
N TYR A 323 1.22 -2.03 3.36
CA TYR A 323 1.50 -0.76 4.06
C TYR A 323 2.97 -0.76 4.53
N TYR A 324 3.73 0.27 4.11
CA TYR A 324 5.16 0.41 4.40
C TYR A 324 5.45 1.69 5.19
N PRO A 325 5.40 1.63 6.54
CA PRO A 325 5.56 2.86 7.35
C PRO A 325 6.97 3.00 7.89
N PRO A 326 7.53 4.25 7.98
CA PRO A 326 8.91 4.39 8.44
C PRO A 326 9.15 4.51 9.94
N LEU A 327 8.13 4.81 10.76
CA LEU A 327 8.41 5.10 12.17
C LEU A 327 8.76 3.82 12.93
N LEU A 328 9.70 3.96 13.88
CA LEU A 328 10.26 2.81 14.59
C LEU A 328 10.03 2.84 16.11
N ARG A 329 10.42 3.90 16.82
CA ARG A 329 10.29 3.94 18.27
C ARG A 329 9.45 5.10 18.81
N SER A 330 9.12 6.09 17.99
CA SER A 330 8.40 7.28 18.43
C SER A 330 7.99 8.09 17.20
N ALA A 331 7.36 9.24 17.44
CA ALA A 331 6.95 10.11 16.35
C ALA A 331 8.13 10.67 15.60
N THR A 332 9.31 10.67 16.22
CA THR A 332 10.50 11.26 15.62
C THR A 332 11.59 10.26 15.25
N VAL A 333 11.52 9.02 15.74
CA VAL A 333 12.60 8.04 15.55
C VAL A 333 12.15 7.03 14.50
N ARG A 334 12.81 7.04 13.33
CA ARG A 334 12.46 6.23 12.17
C ARG A 334 13.55 5.24 11.78
N LYS A 335 13.16 4.29 10.91
CA LYS A 335 14.06 3.38 10.21
C LYS A 335 14.53 3.98 8.89
N PHE A 336 15.84 3.86 8.63
CA PHE A 336 16.46 4.30 7.39
C PHE A 336 16.86 3.06 6.57
N MET A 337 16.33 2.92 5.35
CA MET A 337 16.66 1.77 4.51
C MET A 337 17.83 2.14 3.61
N VAL A 338 19.03 2.03 4.19
CA VAL A 338 20.27 2.57 3.61
C VAL A 338 21.39 1.59 3.91
N GLY A 339 22.61 1.92 3.47
CA GLY A 339 23.80 1.19 3.93
C GLY A 339 23.78 -0.26 3.51
N TYR A 340 23.86 -1.18 4.50
CA TYR A 340 23.85 -2.60 4.17
C TYR A 340 22.62 -2.99 3.36
N GLU A 341 21.48 -2.33 3.60
CA GLU A 341 20.25 -2.66 2.91
C GLU A 341 20.27 -2.23 1.45
N MET A 342 21.10 -1.25 1.09
CA MET A 342 21.29 -0.89 -0.32
C MET A 342 22.36 -1.72 -1.01
N LEU A 343 23.33 -2.28 -0.28
CA LEU A 343 24.45 -3.02 -0.85
C LEU A 343 24.33 -4.56 -0.75
N ALA A 344 23.40 -5.08 0.07
CA ALA A 344 23.36 -6.51 0.36
C ALA A 344 21.94 -7.07 0.51
N GLN A 345 21.23 -6.78 1.60
CA GLN A 345 19.83 -7.18 1.71
C GLN A 345 19.21 -6.49 2.91
N ALA A 346 17.88 -6.59 3.00
CA ALA A 346 17.12 -5.95 4.08
C ALA A 346 17.48 -6.54 5.44
N GLN A 347 17.38 -5.69 6.48
CA GLN A 347 17.73 -6.04 7.87
C GLN A 347 16.77 -5.34 8.84
N ARG A 348 16.38 -6.05 9.91
CA ARG A 348 15.51 -5.47 10.94
C ARG A 348 15.90 -5.98 12.32
N ASP A 349 15.58 -5.17 13.35
CA ASP A 349 15.79 -5.53 14.76
C ASP A 349 14.50 -5.99 15.44
N LEU A 350 13.47 -5.16 15.42
CA LEU A 350 12.16 -5.53 15.95
C LEU A 350 11.63 -6.75 15.20
N THR A 351 11.18 -7.80 15.96
CA THR A 351 10.67 -8.95 15.21
C THR A 351 9.22 -8.72 14.73
N PRO A 352 8.80 -9.41 13.67
CA PRO A 352 7.38 -9.31 13.25
C PRO A 352 6.39 -9.73 14.34
N GLU A 353 6.78 -10.66 15.21
CA GLU A 353 5.90 -11.11 16.29
C GLU A 353 5.78 -10.03 17.38
N GLN A 354 6.87 -9.32 17.68
CA GLN A 354 6.81 -8.20 18.60
C GLN A 354 5.93 -7.08 18.05
N ALA A 355 6.10 -6.75 16.76
CA ALA A 355 5.31 -5.70 16.12
C ALA A 355 3.82 -6.01 16.18
N ALA A 356 3.43 -7.23 15.81
CA ALA A 356 2.02 -7.59 15.78
C ALA A 356 1.39 -7.56 17.17
N GLU A 357 2.12 -8.06 18.18
CA GLU A 357 1.62 -8.03 19.56
C GLU A 357 1.31 -6.61 19.98
N ARG A 358 2.21 -5.66 19.69
CA ARG A 358 1.98 -4.28 20.11
C ARG A 358 0.78 -3.69 19.38
N LEU A 359 0.64 -3.97 18.09
CA LEU A 359 -0.50 -3.45 17.33
C LEU A 359 -1.83 -4.02 17.83
N ARG A 360 -1.87 -5.31 18.21
CA ARG A 360 -3.13 -5.90 18.66
C ARG A 360 -3.67 -5.19 19.89
N ALA A 361 -2.78 -4.77 20.79
CA ALA A 361 -3.20 -4.22 22.07
C ALA A 361 -3.76 -2.80 21.96
N LEU A 362 -3.49 -2.08 20.86
CA LEU A 362 -3.83 -0.67 20.79
C LEU A 362 -5.34 -0.46 20.67
N PRO A 363 -5.90 0.57 21.30
CA PRO A 363 -7.35 0.84 21.18
C PRO A 363 -7.74 1.18 19.75
N GLU A 364 -9.05 1.01 19.49
CA GLU A 364 -9.68 1.41 18.23
C GLU A 364 -10.37 2.77 18.33
N VAL A 365 -10.36 3.38 19.51
CA VAL A 365 -10.83 4.75 19.69
C VAL A 365 -9.63 5.66 19.44
N HIS A 366 -9.77 6.61 18.52
CA HIS A 366 -8.66 7.50 18.16
C HIS A 366 -8.28 8.41 19.34
N TYR A 367 -6.97 8.57 19.56
CA TYR A 367 -6.48 9.44 20.62
C TYR A 367 -6.92 10.88 20.38
N HIS A 368 -6.98 11.65 21.46
CA HIS A 368 -7.20 13.09 21.37
C HIS A 368 -6.20 13.80 22.28
N LEU A 369 -5.60 14.87 21.75
CA LEU A 369 -4.60 15.64 22.49
C LEU A 369 -5.17 16.17 23.82
#